data_3FP0
#
_entry.id   3FP0
#
_cell.length_a   64.282
_cell.length_b   81.987
_cell.length_c   95.436
_cell.angle_alpha   90.00
_cell.angle_beta   90.00
_cell.angle_gamma   90.00
#
_symmetry.space_group_name_H-M   'P 21 21 21'
#
loop_
_entity.id
_entity.type
_entity.pdbx_description
1 polymer 15-O-acetyltransferase
2 branched alpha-D-fructofuranose-(2-1)-alpha-D-glucopyranose
3 non-polymer '(3alpha)-15-hydroxy-12,13-epoxytrichothec-9-en-3-yl acetate'
4 non-polymer '4-(2-HYDROXYETHYL)-1-PIPERAZINE ETHANESULFONIC ACID'
5 water water
#
_entity_poly.entity_id   1
_entity_poly.type   'polypeptide(L)'
_entity_poly.pdbx_seq_one_letter_code
;MSASSSSALPPLVPALYRWKSTGSSGRQVQRRCVGAEAIVGLEEKNRRALYDLYIATSLRNIAPASTLLTLQNLKEMFEL
ALLDARFEHPECACTVSWDDEVPAIITYESPESNESARDWARGCIHVQPTAKSALDLWSEMEEGRAAANDNTPSKSIELF
LLSDVSTDSTPIPQDATVEILFHSNHLFWDGIGCRKFVGDLFRLVGSYIGRSDSREMKKIQWGQEIKNLSPPVVDSLKLD
INTLGSEFDDKCTEYTSALVANYKSRGMKFQPGLALPRCVIHKLSADESIDIVKAVKTRLGPGFTISHLTQAAIVLALLD
HLKPNDLSDDEVFISPTSVDGRRWLREDIASNFYAMCQTAAVVRIENLKSITVSHKDEKELQVRALESACRNIKKSYRQW
LENPFLQALGLRVHNFEASYLHAKPIPFEGEANPLFISDGINERFIPHEIKQTATGENVLSVESIDFVVNQSLPYLAIRL
DSWRDASTLNIIYNDANYTEAEVQKYLQSIVEFMLAFRL
;
_entity_poly.pdbx_strand_id   A
#
loop_
_chem_comp.id
_chem_comp.type
_chem_comp.name
_chem_comp.formula
EPE non-polymer '4-(2-HYDROXYETHYL)-1-PIPERAZINE ETHANESULFONIC ACID' 'C8 H18 N2 O4 S'
FP0 non-polymer '(3alpha)-15-hydroxy-12,13-epoxytrichothec-9-en-3-yl acetate' 'C17 H24 O5'
GLC D-saccharide, alpha linking alpha-D-glucopyranose 'C6 H12 O6'
Z9N D-saccharide, alpha linking alpha-D-fructofuranose 'C6 H12 O6'
#
# COMPACT_ATOMS: atom_id res chain seq x y z
N SER A 5 3.41 -28.56 -21.35
CA SER A 5 2.47 -29.12 -22.34
C SER A 5 1.02 -29.12 -21.81
N SER A 6 0.85 -29.09 -20.49
CA SER A 6 -0.51 -29.17 -19.91
C SER A 6 -1.22 -27.82 -19.99
N SER A 7 -2.56 -27.84 -19.99
CA SER A 7 -3.33 -26.60 -20.10
C SER A 7 -3.60 -25.97 -18.72
N ALA A 8 -3.34 -26.73 -17.65
CA ALA A 8 -3.65 -26.34 -16.26
C ALA A 8 -2.89 -25.09 -15.80
N LEU A 9 -3.48 -24.38 -14.83
CA LEU A 9 -2.85 -23.24 -14.13
C LEU A 9 -1.49 -23.72 -13.62
N PRO A 10 -0.38 -23.03 -13.98
CA PRO A 10 0.90 -23.48 -13.42
C PRO A 10 0.94 -23.64 -11.89
N PRO A 11 1.64 -24.68 -11.40
CA PRO A 11 1.77 -24.90 -9.96
C PRO A 11 2.80 -23.96 -9.35
N LEU A 12 2.78 -23.79 -8.01
CA LEU A 12 3.95 -23.29 -7.27
C LEU A 12 4.68 -24.51 -6.78
N VAL A 13 5.97 -24.77 -7.06
CA VAL A 13 7.05 -23.91 -7.57
C VAL A 13 8.14 -23.38 -6.54
N PRO A 14 8.12 -23.82 -5.24
CA PRO A 14 8.81 -23.11 -4.12
C PRO A 14 10.29 -22.90 -4.31
N ALA A 15 11.01 -23.97 -4.64
CA ALA A 15 12.43 -23.91 -4.91
C ALA A 15 12.79 -22.76 -5.83
N LEU A 16 11.94 -22.47 -6.83
CA LEU A 16 12.14 -21.36 -7.75
C LEU A 16 12.30 -19.98 -7.09
N TYR A 17 11.69 -19.77 -5.90
CA TYR A 17 11.58 -18.43 -5.30
C TYR A 17 12.54 -18.16 -4.14
N ARG A 18 13.50 -19.05 -3.93
CA ARG A 18 14.36 -18.94 -2.76
C ARG A 18 15.55 -18.04 -3.03
N TRP A 19 16.09 -17.50 -1.94
CA TRP A 19 17.30 -16.71 -2.00
C TRP A 19 18.45 -17.59 -2.48
N LYS A 20 19.25 -17.07 -3.42
CA LYS A 20 20.42 -17.80 -3.98
C LYS A 20 21.66 -16.88 -3.95
N SER A 21 22.77 -17.35 -3.37
CA SER A 21 24.04 -16.63 -3.40
C SER A 21 24.53 -16.68 -4.85
N THR A 22 24.93 -15.52 -5.39
CA THR A 22 25.34 -15.41 -6.80
C THR A 22 26.85 -15.27 -7.03
N GLY A 23 27.66 -15.40 -5.98
CA GLY A 23 29.12 -15.34 -6.11
C GLY A 23 29.78 -15.95 -4.87
N SER A 24 31.11 -15.95 -4.84
CA SER A 24 31.83 -16.74 -3.84
C SER A 24 31.85 -16.15 -2.43
N SER A 25 31.69 -14.83 -2.34
CA SER A 25 31.78 -14.14 -1.05
C SER A 25 30.54 -14.37 -0.18
N GLY A 26 29.39 -14.60 -0.83
CA GLY A 26 28.12 -14.72 -0.13
C GLY A 26 27.42 -13.39 0.10
N ARG A 27 28.08 -12.30 -0.30
CA ARG A 27 27.58 -10.95 -0.11
C ARG A 27 26.41 -10.51 -1.02
N GLN A 28 26.27 -11.15 -2.18
CA GLN A 28 25.12 -10.93 -3.04
C GLN A 28 24.21 -12.17 -3.09
N VAL A 29 22.90 -11.92 -2.95
CA VAL A 29 21.85 -12.94 -3.05
C VAL A 29 20.76 -12.45 -4.00
N GLN A 30 20.08 -13.38 -4.65
CA GLN A 30 18.98 -12.99 -5.48
C GLN A 30 17.84 -14.00 -5.39
N ARG A 31 16.66 -13.54 -5.79
CA ARG A 31 15.51 -14.42 -5.94
C ARG A 31 14.56 -13.98 -7.05
N ARG A 32 13.92 -14.96 -7.68
CA ARG A 32 12.88 -14.72 -8.65
C ARG A 32 11.63 -14.34 -7.89
N CYS A 33 11.06 -13.20 -8.20
CA CYS A 33 9.92 -12.72 -7.41
C CYS A 33 8.65 -13.59 -7.66
N VAL A 34 7.67 -13.45 -6.75
CA VAL A 34 6.50 -14.35 -6.71
C VAL A 34 5.18 -13.64 -6.37
N GLY A 35 4.09 -14.18 -6.90
CA GLY A 35 2.76 -13.71 -6.55
C GLY A 35 2.62 -12.28 -6.96
N ALA A 36 2.04 -11.47 -6.08
CA ALA A 36 1.81 -10.04 -6.40
C ALA A 36 3.09 -9.30 -6.76
N GLU A 37 4.25 -9.79 -6.30
CA GLU A 37 5.51 -9.15 -6.77
C GLU A 37 5.64 -9.18 -8.29
N ALA A 38 5.16 -10.27 -8.91
CA ALA A 38 5.36 -10.44 -10.34
C ALA A 38 4.47 -9.47 -11.08
N ILE A 39 3.32 -9.12 -10.48
CA ILE A 39 2.43 -8.11 -11.07
C ILE A 39 3.12 -6.72 -11.03
N VAL A 40 3.51 -6.26 -9.84
CA VAL A 40 4.13 -4.93 -9.75
C VAL A 40 5.47 -4.84 -10.46
N GLY A 41 6.11 -5.99 -10.63
CA GLY A 41 7.44 -6.03 -11.17
C GLY A 41 7.49 -6.11 -12.67
N LEU A 42 6.34 -6.23 -13.33
CA LEU A 42 6.25 -6.29 -14.80
C LEU A 42 7.06 -5.17 -15.38
N GLU A 43 8.07 -5.53 -16.17
CA GLU A 43 9.13 -4.61 -16.51
C GLU A 43 8.69 -3.27 -17.08
N GLU A 44 7.85 -3.26 -18.10
CA GLU A 44 7.54 -1.98 -18.77
C GLU A 44 6.65 -1.09 -17.87
N LYS A 45 6.05 -1.70 -16.86
CA LYS A 45 5.22 -0.95 -15.92
C LYS A 45 6.05 -0.45 -14.77
N ASN A 46 6.89 -1.33 -14.22
CA ASN A 46 7.79 -0.96 -13.10
C ASN A 46 8.77 0.14 -13.51
N ARG A 47 9.25 0.06 -14.76
CA ARG A 47 10.13 1.12 -15.30
C ARG A 47 9.47 2.49 -15.38
N ARG A 48 8.15 2.49 -15.48
CA ARG A 48 7.36 3.70 -15.59
C ARG A 48 6.62 4.04 -14.29
N ALA A 49 7.02 3.37 -13.21
CA ALA A 49 6.53 3.64 -11.85
C ALA A 49 5.06 3.34 -11.56
N LEU A 50 4.46 2.38 -12.27
CA LEU A 50 3.06 2.00 -11.97
C LEU A 50 3.06 1.34 -10.59
N TYR A 51 2.05 1.68 -9.78
CA TYR A 51 1.94 1.19 -8.41
C TYR A 51 3.07 1.60 -7.43
N ASP A 52 3.97 2.53 -7.80
CA ASP A 52 4.95 3.07 -6.86
C ASP A 52 4.20 3.58 -5.63
N LEU A 53 4.79 3.37 -4.45
CA LEU A 53 4.16 3.80 -3.20
C LEU A 53 4.71 5.14 -2.82
N TYR A 54 3.81 6.06 -2.43
CA TYR A 54 4.20 7.32 -1.83
C TYR A 54 3.50 7.45 -0.47
N ILE A 55 4.28 7.65 0.59
CA ILE A 55 3.70 7.93 1.92
C ILE A 55 4.07 9.35 2.35
N ALA A 56 3.05 10.17 2.53
CA ALA A 56 3.19 11.60 2.83
C ALA A 56 2.87 11.72 4.29
N THR A 57 3.84 12.18 5.09
CA THR A 57 3.64 12.38 6.50
C THR A 57 3.90 13.86 6.79
N SER A 58 2.94 14.53 7.39
CA SER A 58 3.14 15.91 7.78
C SER A 58 3.42 15.93 9.27
N LEU A 59 4.53 16.57 9.66
CA LEU A 59 5.02 16.47 11.03
C LEU A 59 5.09 17.88 11.64
N ARG A 60 4.80 18.03 12.93
CA ARG A 60 4.92 19.34 13.57
C ARG A 60 6.08 19.35 14.58
N ASN A 61 6.88 20.42 14.57
CA ASN A 61 7.90 20.60 15.55
C ASN A 61 7.32 20.98 16.93
N ILE A 62 7.32 20.01 17.85
CA ILE A 62 6.85 20.22 19.22
C ILE A 62 7.96 20.07 20.25
N ALA A 63 9.20 20.10 19.77
CA ALA A 63 10.39 19.89 20.58
C ALA A 63 10.57 21.04 21.59
N PRO A 64 11.34 20.79 22.67
CA PRO A 64 11.72 21.86 23.59
C PRO A 64 12.29 23.00 22.76
N ALA A 65 12.10 24.25 23.20
CA ALA A 65 12.75 25.40 22.54
C ALA A 65 14.30 25.22 22.38
N SER A 66 14.91 24.49 23.31
CA SER A 66 16.35 24.24 23.24
C SER A 66 16.78 23.18 22.20
N THR A 67 15.82 22.55 21.51
CA THR A 67 16.16 21.57 20.46
C THR A 67 16.27 22.28 19.11
N LEU A 68 17.45 22.21 18.50
CA LEU A 68 17.69 22.93 17.26
C LEU A 68 17.56 22.01 16.05
N LEU A 69 16.60 22.29 15.18
CA LEU A 69 16.37 21.44 14.02
C LEU A 69 16.57 22.24 12.78
N THR A 70 17.25 21.65 11.81
CA THR A 70 17.38 22.25 10.46
C THR A 70 17.15 21.16 9.42
N LEU A 71 16.94 21.53 8.17
CA LEU A 71 16.80 20.46 7.16
C LEU A 71 18.10 19.70 7.03
N GLN A 72 19.22 20.44 7.07
CA GLN A 72 20.55 19.83 6.98
C GLN A 72 20.77 18.82 8.10
N ASN A 73 20.52 19.19 9.36
CA ASN A 73 20.74 18.20 10.42
C ASN A 73 19.70 17.06 10.52
N LEU A 74 18.45 17.32 10.11
CA LEU A 74 17.48 16.25 9.91
C LEU A 74 17.90 15.25 8.80
N LYS A 75 18.44 15.77 7.69
CA LYS A 75 18.98 14.90 6.64
C LYS A 75 20.08 14.02 7.24
N GLU A 76 21.03 14.66 7.90
CA GLU A 76 22.08 13.93 8.63
C GLU A 76 21.54 12.82 9.57
N MET A 77 20.52 13.15 10.37
CA MET A 77 19.95 12.18 11.34
C MET A 77 19.23 11.01 10.64
N PHE A 78 18.47 11.32 9.58
CA PHE A 78 17.74 10.29 8.83
C PHE A 78 18.70 9.40 8.03
N GLU A 79 19.83 9.94 7.62
CA GLU A 79 20.84 9.11 6.98
C GLU A 79 21.33 8.04 7.91
N LEU A 80 21.61 8.43 9.15
CA LEU A 80 22.08 7.52 10.20
C LEU A 80 21.01 6.46 10.56
N ALA A 81 19.78 6.92 10.66
CA ALA A 81 18.63 6.04 10.88
C ALA A 81 18.41 5.03 9.74
N LEU A 82 18.62 5.49 8.50
CA LEU A 82 18.40 4.65 7.35
C LEU A 82 19.47 3.54 7.32
N LEU A 83 20.69 3.86 7.75
CA LEU A 83 21.75 2.83 7.80
C LEU A 83 21.38 1.76 8.85
N ASP A 84 20.92 2.21 10.02
CA ASP A 84 20.39 1.32 11.04
C ASP A 84 19.20 0.45 10.49
N ALA A 85 18.31 1.11 9.76
CA ALA A 85 17.12 0.45 9.18
C ALA A 85 17.50 -0.55 8.10
N ARG A 86 18.54 -0.25 7.31
CA ARG A 86 19.05 -1.20 6.31
C ARG A 86 19.58 -2.47 7.03
N PHE A 87 20.34 -2.29 8.10
CA PHE A 87 20.74 -3.44 8.90
C PHE A 87 19.58 -4.31 9.41
N GLU A 88 18.53 -3.66 9.97
CA GLU A 88 17.36 -4.37 10.46
C GLU A 88 16.55 -5.01 9.32
N HIS A 89 16.33 -4.24 8.24
CA HIS A 89 15.37 -4.60 7.17
C HIS A 89 15.92 -4.24 5.78
N PRO A 90 16.81 -5.10 5.24
CA PRO A 90 17.55 -4.78 4.02
C PRO A 90 16.73 -4.69 2.74
N GLU A 91 15.42 -5.00 2.80
CA GLU A 91 14.51 -4.70 1.69
C GLU A 91 14.67 -3.28 1.15
N CYS A 92 15.05 -2.35 2.02
CA CYS A 92 15.18 -0.95 1.64
C CYS A 92 16.36 -0.70 0.70
N ALA A 93 17.21 -1.69 0.50
CA ALA A 93 18.28 -1.53 -0.49
C ALA A 93 18.30 -2.65 -1.55
N CYS A 94 17.22 -3.43 -1.65
CA CYS A 94 17.13 -4.39 -2.73
C CYS A 94 16.99 -3.66 -4.07
N THR A 95 17.41 -4.33 -5.16
CA THR A 95 17.31 -3.73 -6.48
C THR A 95 16.61 -4.72 -7.42
N VAL A 96 16.21 -4.26 -8.60
CA VAL A 96 15.43 -5.13 -9.52
C VAL A 96 16.14 -5.28 -10.88
N SER A 97 16.06 -6.47 -11.48
CA SER A 97 16.54 -6.70 -12.82
C SER A 97 15.56 -7.66 -13.46
N TRP A 98 15.67 -7.78 -14.78
CA TRP A 98 14.83 -8.70 -15.54
C TRP A 98 15.71 -9.47 -16.52
N ASP A 99 15.30 -10.70 -16.80
CA ASP A 99 15.85 -11.41 -17.97
C ASP A 99 14.73 -11.46 -19.00
N ASP A 100 14.57 -12.57 -19.72
CA ASP A 100 13.46 -12.68 -20.68
C ASP A 100 12.16 -13.24 -20.11
N GLU A 101 12.17 -13.70 -18.86
CA GLU A 101 10.95 -14.15 -18.21
C GLU A 101 10.13 -13.00 -17.62
N VAL A 102 8.86 -13.27 -17.39
CA VAL A 102 7.91 -12.31 -16.86
C VAL A 102 8.24 -11.80 -15.43
N PRO A 103 8.54 -12.72 -14.48
CA PRO A 103 8.80 -12.23 -13.13
C PRO A 103 10.17 -11.56 -12.95
N ALA A 104 10.12 -10.40 -12.27
CA ALA A 104 11.30 -9.62 -11.95
C ALA A 104 12.23 -10.44 -11.07
N ILE A 105 13.49 -10.06 -11.06
CA ILE A 105 14.44 -10.66 -10.12
C ILE A 105 14.81 -9.62 -9.06
N ILE A 106 14.74 -10.04 -7.80
CA ILE A 106 15.07 -9.18 -6.67
C ILE A 106 16.45 -9.55 -6.16
N THR A 107 17.31 -8.53 -6.07
CA THR A 107 18.69 -8.75 -5.63
C THR A 107 18.98 -7.92 -4.37
N TYR A 108 19.68 -8.54 -3.40
CA TYR A 108 20.29 -7.83 -2.26
C TYR A 108 21.81 -8.03 -2.29
N GLU A 109 22.55 -6.93 -2.25
CA GLU A 109 24.01 -6.96 -2.02
C GLU A 109 24.38 -6.17 -0.78
N SER A 110 25.04 -6.84 0.15
CA SER A 110 25.68 -6.22 1.32
C SER A 110 26.67 -5.12 0.89
N PRO A 111 26.70 -3.95 1.60
CA PRO A 111 27.63 -2.89 1.14
C PRO A 111 29.06 -3.37 1.17
N GLU A 112 29.80 -3.00 0.14
CA GLU A 112 31.18 -3.39 -0.10
C GLU A 112 32.08 -2.77 0.97
N SER A 113 31.64 -1.65 1.56
CA SER A 113 32.37 -1.03 2.66
C SER A 113 31.42 -0.12 3.48
N ASN A 114 31.85 0.28 4.68
CA ASN A 114 31.09 1.26 5.43
C ASN A 114 30.95 2.59 4.71
N GLU A 115 32.00 3.02 4.00
CA GLU A 115 31.93 4.22 3.13
C GLU A 115 30.86 4.12 2.04
N SER A 116 30.83 2.98 1.35
CA SER A 116 29.83 2.67 0.31
C SER A 116 28.39 2.75 0.86
N ALA A 117 28.21 2.21 2.05
CA ALA A 117 26.93 2.24 2.73
C ALA A 117 26.51 3.69 3.01
N ARG A 118 27.47 4.55 3.34
CA ARG A 118 27.10 5.92 3.69
C ARG A 118 26.79 6.69 2.44
N ASP A 119 27.48 6.37 1.34
CA ASP A 119 27.17 6.97 0.03
C ASP A 119 25.73 6.60 -0.35
N TRP A 120 25.40 5.33 -0.15
CA TRP A 120 24.03 4.85 -0.40
C TRP A 120 22.99 5.62 0.41
N ALA A 121 23.17 5.70 1.73
CA ALA A 121 22.17 6.33 2.57
C ALA A 121 22.05 7.81 2.22
N ARG A 122 23.20 8.49 2.05
CA ARG A 122 23.23 9.90 1.61
C ARG A 122 22.36 10.10 0.37
N GLY A 123 22.42 9.15 -0.55
CA GLY A 123 21.75 9.28 -1.84
C GLY A 123 20.23 9.07 -1.79
N CYS A 124 19.74 8.56 -0.65
CA CYS A 124 18.31 8.27 -0.45
C CYS A 124 17.53 9.36 0.34
N ILE A 125 18.24 10.35 0.87
CA ILE A 125 17.61 11.36 1.72
C ILE A 125 17.86 12.73 1.06
N HIS A 126 16.77 13.42 0.76
CA HIS A 126 16.81 14.73 0.16
C HIS A 126 16.04 15.77 0.97
N VAL A 127 16.49 17.02 0.88
CA VAL A 127 15.79 18.15 1.48
C VAL A 127 15.52 19.30 0.52
N GLN A 128 14.55 20.14 0.89
CA GLN A 128 14.16 21.30 0.12
C GLN A 128 13.54 22.30 1.10
N PRO A 129 14.12 23.53 1.16
CA PRO A 129 13.39 24.63 1.78
C PRO A 129 12.32 25.11 0.80
N THR A 130 11.06 24.86 1.13
CA THR A 130 9.95 25.09 0.22
C THR A 130 8.64 25.11 1.02
N ALA A 131 7.65 25.86 0.53
CA ALA A 131 6.30 25.75 1.08
C ALA A 131 5.49 24.59 0.47
N LYS A 132 6.00 23.91 -0.55
CA LYS A 132 5.25 22.75 -1.08
C LYS A 132 5.02 21.65 -0.01
N SER A 133 3.83 21.05 -0.06
CA SER A 133 3.50 19.88 0.77
C SER A 133 4.13 18.59 0.20
N ALA A 134 4.14 17.50 0.98
CA ALA A 134 4.64 16.21 0.45
C ALA A 134 3.91 15.82 -0.85
N LEU A 135 2.59 16.03 -0.89
CA LEU A 135 1.82 15.60 -2.04
C LEU A 135 1.91 16.56 -3.22
N ASP A 136 2.21 17.84 -2.96
CA ASP A 136 2.62 18.74 -4.05
C ASP A 136 3.85 18.21 -4.71
N LEU A 137 4.81 17.75 -3.91
CA LEU A 137 6.06 17.21 -4.48
C LEU A 137 5.79 15.93 -5.30
N TRP A 138 4.93 15.06 -4.77
CA TRP A 138 4.48 13.89 -5.52
C TRP A 138 4.01 14.29 -6.93
N SER A 139 3.12 15.27 -7.00
CA SER A 139 2.55 15.70 -8.29
C SER A 139 3.66 16.20 -9.19
N GLU A 140 4.57 16.97 -8.61
CA GLU A 140 5.69 17.52 -9.34
C GLU A 140 6.53 16.40 -9.97
N MET A 141 6.80 15.37 -9.18
CA MET A 141 7.64 14.26 -9.61
C MET A 141 6.94 13.46 -10.68
N GLU A 142 5.64 13.27 -10.52
CA GLU A 142 4.93 12.51 -11.57
C GLU A 142 4.74 13.27 -12.89
N GLU A 143 4.52 14.58 -12.78
CA GLU A 143 4.49 15.47 -13.96
C GLU A 143 5.84 15.46 -14.72
N GLY A 144 6.93 15.46 -13.97
CA GLY A 144 8.28 15.42 -14.54
C GLY A 144 8.71 14.11 -15.20
N ARG A 145 8.18 13.00 -14.68
CA ARG A 145 8.59 11.66 -15.07
C ARG A 145 8.54 11.47 -16.59
N ALA A 146 7.36 11.72 -17.16
CA ALA A 146 7.14 11.80 -18.60
C ALA A 146 8.36 12.32 -19.40
N ALA A 147 8.54 13.64 -19.31
CA ALA A 147 9.48 14.35 -20.16
C ALA A 147 10.92 13.95 -19.89
N ALA A 148 11.19 13.44 -18.69
CA ALA A 148 12.54 13.10 -18.27
C ALA A 148 13.20 12.01 -19.14
N ASN A 149 12.40 11.34 -19.98
CA ASN A 149 12.88 10.16 -20.74
C ASN A 149 13.86 9.27 -19.95
N ASP A 150 13.41 8.73 -18.84
CA ASP A 150 14.11 7.57 -18.34
C ASP A 150 13.24 6.60 -17.63
N ASN A 151 13.39 5.37 -18.09
CA ASN A 151 12.65 4.24 -17.63
C ASN A 151 13.45 3.49 -16.59
N THR A 152 14.01 4.23 -15.64
CA THR A 152 14.72 3.58 -14.56
C THR A 152 13.66 3.29 -13.52
N PRO A 153 13.64 2.05 -13.00
CA PRO A 153 12.75 1.69 -11.89
C PRO A 153 13.11 2.53 -10.68
N SER A 154 12.12 2.84 -9.85
CA SER A 154 12.40 3.59 -8.61
C SER A 154 13.23 2.77 -7.62
N LYS A 155 14.03 3.45 -6.82
CA LYS A 155 14.70 2.84 -5.69
C LYS A 155 13.68 2.17 -4.74
N SER A 156 14.15 1.16 -4.00
CA SER A 156 13.32 0.55 -2.96
C SER A 156 12.74 1.63 -2.03
N ILE A 157 13.56 2.61 -1.63
CA ILE A 157 13.02 3.76 -0.85
C ILE A 157 13.93 5.00 -0.92
N GLU A 158 13.30 6.16 -1.01
CA GLU A 158 13.97 7.44 -0.84
C GLU A 158 13.05 8.35 0.00
N LEU A 159 13.62 9.38 0.61
CA LEU A 159 12.93 10.33 1.53
C LEU A 159 13.16 11.75 1.05
N PHE A 160 12.09 12.56 1.07
CA PHE A 160 12.18 14.00 0.81
C PHE A 160 11.68 14.80 2.00
N LEU A 161 12.55 15.63 2.57
CA LEU A 161 12.20 16.42 3.77
C LEU A 161 12.01 17.85 3.32
N LEU A 162 10.81 18.37 3.58
CA LEU A 162 10.43 19.71 3.15
C LEU A 162 10.00 20.56 4.36
N SER A 163 10.35 21.84 4.35
CA SER A 163 9.92 22.76 5.40
C SER A 163 10.01 24.18 4.83
N ASP A 164 9.03 25.01 5.19
CA ASP A 164 8.93 26.34 4.66
C ASP A 164 9.85 27.32 5.40
N VAL A 165 11.15 27.14 5.17
CA VAL A 165 12.18 27.99 5.76
C VAL A 165 13.04 28.51 4.60
N SER A 166 13.93 29.48 4.87
CA SER A 166 14.65 30.11 3.77
C SER A 166 15.76 29.21 3.18
N THR A 167 16.51 28.55 4.05
CA THR A 167 17.67 27.76 3.62
C THR A 167 17.70 26.47 4.44
N ASP A 168 18.54 25.53 4.03
CA ASP A 168 18.70 24.27 4.76
C ASP A 168 19.42 24.37 6.14
N SER A 169 19.91 25.55 6.53
CA SER A 169 20.47 25.72 7.88
C SER A 169 19.63 26.67 8.73
N THR A 170 18.46 27.04 8.21
CA THR A 170 17.52 27.82 8.99
C THR A 170 16.91 26.97 10.11
N PRO A 171 17.01 27.41 11.38
CA PRO A 171 16.29 26.66 12.41
C PRO A 171 14.79 26.52 12.10
N ILE A 172 14.26 25.31 12.24
CA ILE A 172 12.85 25.08 12.05
C ILE A 172 12.13 25.55 13.32
N PRO A 173 11.25 26.57 13.17
CA PRO A 173 10.59 27.13 14.36
C PRO A 173 9.68 26.16 15.14
N GLN A 174 9.53 26.40 16.45
CA GLN A 174 8.46 25.74 17.21
C GLN A 174 7.14 25.82 16.43
N ASP A 175 6.39 24.70 16.45
CA ASP A 175 5.06 24.60 15.84
CA ASP A 175 5.06 24.53 15.82
C ASP A 175 5.07 24.65 14.29
N ALA A 176 6.26 24.72 13.70
CA ALA A 176 6.37 24.69 12.24
C ALA A 176 6.27 23.25 11.77
N THR A 177 5.85 23.07 10.52
CA THR A 177 5.72 21.74 10.00
C THR A 177 6.95 21.35 9.17
N VAL A 178 7.29 20.08 9.25
CA VAL A 178 8.21 19.43 8.33
C VAL A 178 7.39 18.35 7.61
N GLU A 179 7.41 18.37 6.29
CA GLU A 179 6.75 17.32 5.47
C GLU A 179 7.79 16.26 5.07
N ILE A 180 7.42 14.98 5.11
CA ILE A 180 8.31 13.92 4.57
C ILE A 180 7.52 13.18 3.51
N LEU A 181 8.06 13.12 2.29
CA LEU A 181 7.52 12.23 1.25
C LEU A 181 8.41 11.00 1.19
N PHE A 182 7.83 9.84 1.52
CA PHE A 182 8.50 8.58 1.30
C PHE A 182 8.09 8.09 -0.07
N HIS A 183 9.04 7.56 -0.82
CA HIS A 183 8.77 7.07 -2.14
C HIS A 183 9.45 5.71 -2.34
N SER A 184 8.64 4.70 -2.66
CA SER A 184 9.12 3.30 -2.76
C SER A 184 8.60 2.63 -4.02
N ASN A 185 9.48 1.85 -4.64
CA ASN A 185 9.12 0.89 -5.68
C ASN A 185 8.26 -0.16 -4.95
N HIS A 186 7.07 -0.42 -5.47
CA HIS A 186 6.17 -1.38 -4.82
C HIS A 186 6.76 -2.80 -4.85
N LEU A 187 7.76 -3.07 -5.69
CA LEU A 187 8.29 -4.44 -5.80
C LEU A 187 8.75 -5.03 -4.44
N PHE A 188 9.39 -4.16 -3.64
CA PHE A 188 10.12 -4.55 -2.43
C PHE A 188 9.30 -4.67 -1.17
N TRP A 189 7.99 -4.36 -1.27
CA TRP A 189 7.14 -4.22 -0.08
C TRP A 189 5.67 -4.49 -0.38
N ASP A 190 4.85 -4.61 0.66
CA ASP A 190 3.48 -4.17 0.45
C ASP A 190 3.20 -2.95 1.34
N GLY A 191 1.94 -2.50 1.44
CA GLY A 191 1.55 -1.36 2.30
C GLY A 191 1.85 -1.58 3.78
N ILE A 192 1.87 -2.84 4.20
CA ILE A 192 2.14 -3.18 5.60
C ILE A 192 3.65 -2.97 5.87
N GLY A 193 4.47 -3.70 5.11
CA GLY A 193 5.93 -3.62 5.19
C GLY A 193 6.46 -2.19 5.06
N CYS A 194 5.94 -1.44 4.08
CA CYS A 194 6.46 -0.10 3.85
C CYS A 194 6.13 0.82 5.03
N ARG A 195 4.89 0.75 5.51
CA ARG A 195 4.49 1.48 6.72
C ARG A 195 5.30 1.08 7.95
N LYS A 196 5.55 -0.23 8.13
CA LYS A 196 6.36 -0.67 9.27
C LYS A 196 7.76 -0.07 9.17
N PHE A 197 8.32 -0.04 7.96
CA PHE A 197 9.67 0.55 7.76
C PHE A 197 9.67 2.06 8.06
N VAL A 198 8.62 2.77 7.68
CA VAL A 198 8.47 4.21 8.05
C VAL A 198 8.47 4.31 9.57
N GLY A 199 7.75 3.40 10.24
CA GLY A 199 7.72 3.43 11.70
C GLY A 199 9.07 3.15 12.32
N ASP A 200 9.82 2.21 11.73
CA ASP A 200 11.19 1.90 12.16
C ASP A 200 12.10 3.13 12.06
N LEU A 201 12.01 3.86 10.94
CA LEU A 201 12.83 5.08 10.77
C LEU A 201 12.48 6.14 11.79
N PHE A 202 11.20 6.30 12.09
CA PHE A 202 10.79 7.28 13.11
C PHE A 202 11.29 6.86 14.50
N ARG A 203 11.38 5.54 14.73
CA ARG A 203 12.00 5.03 15.97
C ARG A 203 13.54 5.30 16.00
N LEU A 204 14.20 4.88 14.92
CA LEU A 204 15.66 4.88 14.83
C LEU A 204 16.24 6.29 14.80
N VAL A 205 15.54 7.21 14.16
CA VAL A 205 16.07 8.58 14.05
C VAL A 205 16.15 9.23 15.45
N GLY A 206 15.34 8.73 16.39
CA GLY A 206 15.29 9.27 17.76
C GLY A 206 16.61 9.14 18.51
N SER A 207 17.42 8.17 18.07
CA SER A 207 18.79 7.97 18.58
C SER A 207 19.76 9.06 18.22
N TYR A 208 19.41 9.88 17.22
CA TYR A 208 20.38 10.79 16.63
C TYR A 208 20.06 12.26 16.85
N ILE A 209 18.88 12.53 17.39
CA ILE A 209 18.54 13.92 17.71
C ILE A 209 19.25 14.35 18.97
N GLY A 210 20.04 15.42 18.89
CA GLY A 210 20.65 16.00 20.09
C GLY A 210 22.09 15.61 20.28
N ARG A 211 22.60 14.77 19.39
CA ARG A 211 23.99 14.26 19.40
C ARG A 211 24.65 14.49 18.03
N ASP A 213 28.11 13.01 18.29
CA ASP A 213 29.11 11.96 18.47
C ASP A 213 28.88 10.63 17.70
N SER A 214 27.95 10.66 16.74
CA SER A 214 27.60 9.50 15.90
C SER A 214 28.79 8.82 15.17
N ARG A 215 29.86 9.56 14.89
CA ARG A 215 31.05 8.96 14.22
C ARG A 215 31.75 7.96 15.11
N GLU A 216 31.58 8.12 16.42
CA GLU A 216 32.22 7.24 17.37
C GLU A 216 31.43 5.96 17.69
N MET A 217 30.17 5.86 17.23
CA MET A 217 29.34 4.70 17.56
C MET A 217 29.92 3.43 16.89
N LYS A 218 29.64 2.26 17.47
CA LYS A 218 30.13 0.97 16.96
C LYS A 218 29.85 0.82 15.44
N LYS A 219 30.87 0.45 14.67
CA LYS A 219 30.72 0.26 13.20
C LYS A 219 29.76 -0.87 12.89
N ILE A 220 29.02 -0.68 11.80
CA ILE A 220 28.08 -1.68 11.33
C ILE A 220 28.88 -2.73 10.58
N GLN A 221 28.62 -3.99 10.93
CA GLN A 221 29.34 -5.10 10.33
C GLN A 221 28.57 -5.61 9.12
N TRP A 222 28.71 -4.90 8.00
CA TRP A 222 27.98 -5.24 6.80
C TRP A 222 28.24 -6.68 6.38
N GLY A 223 27.17 -7.36 5.98
CA GLY A 223 27.22 -8.79 5.74
C GLY A 223 26.29 -9.47 6.72
N GLN A 224 26.29 -9.02 7.97
CA GLN A 224 25.52 -9.64 9.03
C GLN A 224 24.02 -9.37 8.94
N GLU A 225 23.63 -8.47 8.04
CA GLU A 225 22.23 -8.15 7.81
C GLU A 225 21.54 -9.05 6.81
N ILE A 226 22.29 -9.83 6.03
CA ILE A 226 21.69 -10.71 5.02
C ILE A 226 20.66 -11.64 5.62
N LYS A 227 20.97 -12.22 6.78
CA LYS A 227 20.03 -13.10 7.45
C LYS A 227 18.76 -12.38 7.90
N ASN A 228 18.81 -11.03 7.87
CA ASN A 228 17.69 -10.15 8.23
C ASN A 228 16.63 -9.90 7.15
N LEU A 229 16.95 -10.20 5.89
CA LEU A 229 15.99 -10.14 4.82
C LEU A 229 14.83 -11.07 5.17
N SER A 230 13.60 -10.59 4.95
CA SER A 230 12.42 -11.45 5.13
C SER A 230 12.66 -12.73 4.32
N PRO A 231 12.31 -13.89 4.90
CA PRO A 231 12.51 -15.14 4.22
C PRO A 231 11.52 -15.30 3.06
N PRO A 232 11.78 -16.23 2.13
CA PRO A 232 10.85 -16.44 1.04
C PRO A 232 9.47 -16.82 1.59
N VAL A 233 8.48 -16.09 1.12
CA VAL A 233 7.07 -16.28 1.54
C VAL A 233 6.57 -17.76 1.43
N VAL A 234 6.86 -18.45 0.33
CA VAL A 234 6.40 -19.85 0.21
C VAL A 234 6.92 -20.71 1.34
N ASP A 235 8.21 -20.56 1.64
CA ASP A 235 8.84 -21.34 2.70
C ASP A 235 8.41 -20.92 4.09
N SER A 236 7.66 -19.81 4.17
CA SER A 236 7.27 -19.22 5.44
C SER A 236 5.84 -19.55 5.84
N LEU A 237 5.11 -20.30 5.01
CA LEU A 237 3.69 -20.61 5.29
C LEU A 237 3.58 -21.68 6.35
N LYS A 238 2.49 -21.64 7.12
CA LYS A 238 2.16 -22.72 8.02
C LYS A 238 1.89 -23.99 7.23
N LEU A 239 1.25 -23.81 6.07
CA LEU A 239 0.82 -24.94 5.24
C LEU A 239 1.99 -25.47 4.44
N ASP A 240 2.08 -26.80 4.33
CA ASP A 240 2.96 -27.47 3.37
C ASP A 240 2.27 -27.50 2.00
N ILE A 241 2.75 -26.71 1.04
CA ILE A 241 2.06 -26.60 -0.25
C ILE A 241 2.05 -27.89 -1.09
N ASN A 242 3.01 -28.78 -0.85
CA ASN A 242 3.02 -30.12 -1.47
C ASN A 242 1.76 -30.96 -1.23
N THR A 243 1.04 -30.64 -0.15
CA THR A 243 -0.13 -31.38 0.29
C THR A 243 -1.40 -31.03 -0.51
N LEU A 244 -1.36 -29.93 -1.26
CA LEU A 244 -2.52 -29.44 -1.99
C LEU A 244 -2.90 -30.34 -3.16
N GLY A 245 -4.20 -30.40 -3.45
CA GLY A 245 -4.71 -31.19 -4.59
C GLY A 245 -5.85 -30.48 -5.31
N SER A 246 -6.93 -31.21 -5.57
CA SER A 246 -7.95 -30.73 -6.50
C SER A 246 -8.83 -29.61 -5.90
N GLU A 247 -9.02 -29.61 -4.59
CA GLU A 247 -9.73 -28.52 -3.91
C GLU A 247 -9.03 -27.17 -4.14
N PHE A 248 -7.71 -27.17 -3.98
CA PHE A 248 -6.88 -26.00 -4.18
C PHE A 248 -6.94 -25.54 -5.64
N ASP A 249 -6.81 -26.49 -6.56
CA ASP A 249 -6.89 -26.20 -7.99
C ASP A 249 -8.22 -25.57 -8.39
N ASP A 250 -9.33 -26.08 -7.84
CA ASP A 250 -10.66 -25.60 -8.21
C ASP A 250 -10.87 -24.16 -7.66
N LYS A 251 -10.41 -23.92 -6.44
CA LYS A 251 -10.49 -22.60 -5.81
C LYS A 251 -9.64 -21.54 -6.54
N CYS A 252 -8.45 -21.93 -6.98
CA CYS A 252 -7.60 -21.11 -7.82
C CYS A 252 -8.27 -20.80 -9.14
N THR A 253 -8.96 -21.80 -9.70
CA THR A 253 -9.73 -21.63 -10.93
C THR A 253 -10.91 -20.68 -10.75
N GLU A 254 -11.60 -20.82 -9.62
CA GLU A 254 -12.67 -19.88 -9.27
C GLU A 254 -12.13 -18.44 -9.24
N TYR A 255 -10.94 -18.27 -8.66
CA TYR A 255 -10.36 -16.94 -8.58
C TYR A 255 -10.01 -16.44 -9.96
N THR A 256 -9.26 -17.20 -10.76
CA THR A 256 -8.84 -16.69 -12.08
C THR A 256 -10.05 -16.46 -13.01
N SER A 257 -11.10 -17.27 -12.82
CA SER A 257 -12.36 -17.01 -13.55
C SER A 257 -13.00 -15.66 -13.18
N ALA A 258 -13.08 -15.37 -11.88
CA ALA A 258 -13.62 -14.08 -11.38
C ALA A 258 -12.74 -12.90 -11.82
N LEU A 259 -11.44 -13.13 -11.88
CA LEU A 259 -10.49 -12.14 -12.31
C LEU A 259 -10.83 -11.69 -13.74
N VAL A 260 -10.94 -12.65 -14.64
CA VAL A 260 -11.30 -12.37 -16.05
C VAL A 260 -12.71 -11.80 -16.17
N ALA A 261 -13.65 -12.32 -15.38
CA ALA A 261 -15.01 -11.77 -15.26
C ALA A 261 -15.07 -10.32 -14.78
N ASN A 262 -14.27 -9.99 -13.77
CA ASN A 262 -14.22 -8.62 -13.32
C ASN A 262 -13.61 -7.68 -14.38
N TYR A 263 -12.56 -8.14 -15.08
CA TYR A 263 -11.90 -7.35 -16.12
C TYR A 263 -12.83 -7.02 -17.30
N LYS A 264 -13.80 -7.90 -17.54
CA LYS A 264 -14.72 -7.77 -18.66
C LYS A 264 -16.10 -7.22 -18.27
N SER A 265 -16.26 -6.88 -16.99
CA SER A 265 -17.56 -6.53 -16.42
C SER A 265 -17.98 -5.03 -16.48
N ARG A 266 -19.26 -4.81 -16.18
CA ARG A 266 -19.83 -3.49 -16.15
C ARG A 266 -19.18 -2.71 -15.01
N GLY A 267 -19.04 -1.41 -15.19
CA GLY A 267 -18.52 -0.58 -14.11
C GLY A 267 -18.64 0.87 -14.49
N MET A 268 -17.68 1.65 -14.05
CA MET A 268 -17.61 3.05 -14.35
C MET A 268 -17.03 3.22 -15.77
N LYS A 269 -17.70 4.01 -16.60
CA LYS A 269 -17.17 4.38 -17.91
C LYS A 269 -15.89 5.16 -17.73
N PHE A 270 -14.91 4.88 -18.60
CA PHE A 270 -13.68 5.66 -18.62
C PHE A 270 -13.34 5.98 -20.05
N GLN A 271 -12.53 7.04 -20.21
CA GLN A 271 -12.03 7.44 -21.53
C GLN A 271 -10.66 6.81 -21.71
N PRO A 272 -10.37 6.29 -22.93
CA PRO A 272 -9.15 5.57 -23.16
C PRO A 272 -7.98 6.55 -23.19
N GLY A 273 -6.78 6.06 -22.96
CA GLY A 273 -5.63 6.92 -22.90
C GLY A 273 -4.79 6.68 -21.68
N LEU A 274 -3.71 7.44 -21.59
CA LEU A 274 -2.77 7.31 -20.48
C LEU A 274 -2.16 8.66 -20.29
N ALA A 275 -2.26 9.18 -19.08
CA ALA A 275 -1.63 10.45 -18.78
C ALA A 275 -1.10 10.35 -17.37
N LEU A 276 -1.55 11.22 -16.46
CA LEU A 276 -0.91 11.33 -15.15
C LEU A 276 -1.67 10.67 -14.03
N PRO A 277 -0.93 10.04 -13.08
CA PRO A 277 -1.49 9.49 -11.83
C PRO A 277 -1.96 10.61 -10.92
N ARG A 278 -3.14 10.45 -10.36
CA ARG A 278 -3.75 11.46 -9.52
C ARG A 278 -4.41 10.80 -8.32
N CYS A 279 -4.77 11.61 -7.33
CA CYS A 279 -5.42 11.11 -6.13
C CYS A 279 -6.36 12.19 -5.57
N VAL A 280 -7.57 11.79 -5.17
CA VAL A 280 -8.52 12.63 -4.42
CA VAL A 280 -8.45 12.64 -4.39
C VAL A 280 -8.64 11.99 -3.04
N ILE A 281 -8.68 12.81 -1.98
CA ILE A 281 -8.62 12.32 -0.60
C ILE A 281 -9.79 12.93 0.17
N HIS A 282 -10.38 12.12 1.06
CA HIS A 282 -11.38 12.60 1.99
C HIS A 282 -10.98 12.09 3.36
N LYS A 283 -10.59 13.03 4.19
CA LYS A 283 -10.21 12.74 5.54
C LYS A 283 -11.50 12.97 6.37
N LEU A 284 -12.14 11.91 6.81
CA LEU A 284 -13.23 12.02 7.77
C LEU A 284 -12.67 12.48 9.10
N SER A 285 -13.47 13.24 9.86
CA SER A 285 -13.03 13.62 11.22
C SER A 285 -12.97 12.44 12.19
N ALA A 286 -12.18 12.59 13.25
CA ALA A 286 -12.23 11.60 14.32
C ALA A 286 -13.69 11.39 14.77
N ASP A 287 -14.44 12.49 14.95
CA ASP A 287 -15.85 12.41 15.44
C ASP A 287 -16.71 11.58 14.48
N GLU A 288 -16.65 11.89 13.18
CA GLU A 288 -17.39 11.13 12.17
C GLU A 288 -17.00 9.66 12.14
N SER A 289 -15.69 9.40 12.21
CA SER A 289 -15.20 8.05 12.08
C SER A 289 -15.61 7.20 13.28
N ILE A 290 -15.58 7.82 14.46
CA ILE A 290 -15.92 7.08 15.69
C ILE A 290 -17.41 6.71 15.64
N ASP A 291 -18.20 7.66 15.14
CA ASP A 291 -19.64 7.49 15.01
C ASP A 291 -19.95 6.33 14.06
N ILE A 292 -19.22 6.26 12.94
CA ILE A 292 -19.41 5.21 11.93
C ILE A 292 -19.02 3.85 12.47
N VAL A 293 -17.83 3.75 13.11
CA VAL A 293 -17.38 2.54 13.80
C VAL A 293 -18.43 2.05 14.85
N LYS A 294 -18.95 2.99 15.64
CA LYS A 294 -20.01 2.68 16.60
CA LYS A 294 -20.01 2.68 16.59
C LYS A 294 -21.27 2.14 15.91
N ALA A 295 -21.70 2.83 14.85
CA ALA A 295 -22.90 2.40 14.12
C ALA A 295 -22.69 1.01 13.51
N VAL A 296 -21.49 0.72 13.00
CA VAL A 296 -21.19 -0.65 12.56
C VAL A 296 -21.34 -1.68 13.70
N LYS A 297 -20.78 -1.37 14.87
CA LYS A 297 -20.85 -2.27 16.07
C LYS A 297 -22.31 -2.57 16.50
N THR A 298 -23.09 -1.51 16.61
CA THR A 298 -24.46 -1.59 17.07
C THR A 298 -25.37 -2.26 16.04
N ARG A 299 -25.34 -1.80 14.79
CA ARG A 299 -26.25 -2.28 13.75
C ARG A 299 -25.93 -3.69 13.27
N LEU A 300 -24.63 -4.01 13.17
CA LEU A 300 -24.17 -5.26 12.60
C LEU A 300 -23.44 -6.18 13.59
N GLY A 301 -22.58 -5.60 14.41
CA GLY A 301 -21.97 -6.30 15.53
C GLY A 301 -20.61 -6.92 15.27
N PRO A 302 -20.31 -7.98 16.02
CA PRO A 302 -19.02 -8.65 15.89
C PRO A 302 -18.68 -9.14 14.49
N GLY A 303 -17.42 -8.92 14.11
CA GLY A 303 -16.89 -9.46 12.88
C GLY A 303 -17.17 -8.54 11.71
N PHE A 304 -17.94 -7.48 11.95
CA PHE A 304 -18.17 -6.42 10.96
C PHE A 304 -17.29 -5.20 11.26
N THR A 305 -16.84 -4.53 10.20
CA THR A 305 -15.95 -3.38 10.33
C THR A 305 -16.36 -2.26 9.40
N ILE A 306 -15.79 -1.09 9.63
CA ILE A 306 -15.93 0.04 8.74
C ILE A 306 -15.41 -0.25 7.33
N SER A 307 -14.46 -1.17 7.19
CA SER A 307 -14.02 -1.64 5.86
C SER A 307 -15.17 -2.33 5.07
N HIS A 308 -15.93 -3.20 5.73
CA HIS A 308 -17.13 -3.79 5.10
C HIS A 308 -18.08 -2.67 4.68
N LEU A 309 -18.34 -1.71 5.59
CA LEU A 309 -19.21 -0.58 5.28
C LEU A 309 -18.73 0.21 4.08
N THR A 310 -17.41 0.46 4.01
CA THR A 310 -16.83 1.23 2.91
C THR A 310 -17.02 0.51 1.55
N GLN A 311 -16.75 -0.81 1.54
CA GLN A 311 -17.00 -1.66 0.37
C GLN A 311 -18.50 -1.59 -0.07
N ALA A 312 -19.39 -1.62 0.91
CA ALA A 312 -20.84 -1.51 0.67
C ALA A 312 -21.21 -0.16 0.02
N ALA A 313 -20.71 0.91 0.64
CA ALA A 313 -20.86 2.27 0.10
C ALA A 313 -20.27 2.42 -1.30
N ILE A 314 -19.10 1.82 -1.55
CA ILE A 314 -18.56 1.77 -2.93
C ILE A 314 -19.62 1.23 -3.95
N VAL A 315 -20.24 0.12 -3.58
CA VAL A 315 -21.24 -0.55 -4.40
C VAL A 315 -22.49 0.31 -4.57
N LEU A 316 -23.03 0.84 -3.49
CA LEU A 316 -24.18 1.74 -3.57
C LEU A 316 -23.92 2.98 -4.40
N ALA A 317 -22.74 3.59 -4.22
CA ALA A 317 -22.37 4.75 -5.03
C ALA A 317 -22.31 4.42 -6.54
N LEU A 318 -21.72 3.27 -6.87
CA LEU A 318 -21.69 2.79 -8.26
C LEU A 318 -23.11 2.54 -8.83
N LEU A 319 -23.96 1.85 -8.07
CA LEU A 319 -25.34 1.61 -8.49
C LEU A 319 -26.15 2.90 -8.67
N ASP A 320 -25.92 3.88 -7.80
CA ASP A 320 -26.56 5.18 -7.86
C ASP A 320 -26.01 6.00 -9.04
N HIS A 321 -24.74 5.80 -9.38
CA HIS A 321 -24.10 6.48 -10.51
C HIS A 321 -24.69 6.02 -11.85
N LEU A 322 -24.81 4.69 -12.02
CA LEU A 322 -25.43 4.07 -13.20
C LEU A 322 -26.97 4.36 -13.24
N LYS A 323 -27.54 4.38 -14.44
CA LYS A 323 -28.91 4.94 -14.64
C LYS A 323 -30.04 3.97 -14.32
N LEU A 327 -27.74 -1.65 -15.55
CA LEU A 327 -27.24 -3.01 -15.45
C LEU A 327 -28.34 -4.03 -15.71
N SER A 328 -27.96 -5.13 -16.34
CA SER A 328 -28.83 -6.32 -16.41
C SER A 328 -29.41 -6.68 -15.03
N ASP A 329 -30.59 -7.28 -15.02
CA ASP A 329 -31.24 -7.67 -13.75
C ASP A 329 -30.42 -8.70 -12.99
N ASP A 330 -29.69 -9.54 -13.74
CA ASP A 330 -28.96 -10.63 -13.14
C ASP A 330 -27.46 -10.37 -12.93
N GLU A 331 -27.04 -9.11 -13.12
CA GLU A 331 -25.67 -8.72 -12.83
C GLU A 331 -25.32 -9.08 -11.40
N VAL A 332 -24.08 -9.52 -11.23
CA VAL A 332 -23.53 -9.81 -9.93
C VAL A 332 -22.38 -8.84 -9.83
N PHE A 333 -22.29 -8.15 -8.70
CA PHE A 333 -21.09 -7.44 -8.39
C PHE A 333 -20.04 -8.46 -7.91
N ILE A 334 -19.00 -8.63 -8.72
CA ILE A 334 -17.87 -9.50 -8.42
C ILE A 334 -16.60 -8.67 -8.42
N SER A 335 -15.82 -8.79 -7.36
CA SER A 335 -14.66 -7.94 -7.20
C SER A 335 -13.57 -8.70 -6.40
N PRO A 336 -12.50 -9.14 -7.09
CA PRO A 336 -11.27 -9.64 -6.43
C PRO A 336 -10.73 -8.53 -5.52
N THR A 337 -10.48 -8.81 -4.25
CA THR A 337 -10.06 -7.79 -3.30
C THR A 337 -8.91 -8.34 -2.48
N SER A 338 -7.87 -7.55 -2.33
CA SER A 338 -6.62 -8.03 -1.76
C SER A 338 -6.73 -8.04 -0.24
N VAL A 339 -5.96 -8.94 0.35
CA VAL A 339 -5.92 -9.12 1.78
C VAL A 339 -4.44 -9.35 2.24
N ASP A 340 -4.10 -8.76 3.37
CA ASP A 340 -2.81 -9.03 4.00
C ASP A 340 -2.72 -10.59 4.29
N GLY A 341 -1.67 -11.20 3.78
CA GLY A 341 -1.49 -12.64 3.87
C GLY A 341 -0.68 -13.15 5.05
N ARG A 342 -0.24 -12.23 5.92
CA ARG A 342 0.61 -12.58 7.04
C ARG A 342 0.04 -13.58 8.02
N ARG A 343 -1.30 -13.66 8.17
CA ARG A 343 -1.89 -14.63 9.11
C ARG A 343 -1.63 -16.09 8.67
N TRP A 344 -1.26 -16.29 7.40
CA TRP A 344 -0.94 -17.61 6.86
C TRP A 344 0.54 -17.98 7.04
N LEU A 345 1.30 -17.05 7.58
CA LEU A 345 2.72 -17.31 7.86
C LEU A 345 2.86 -17.90 9.24
N ARG A 346 3.96 -18.59 9.46
CA ARG A 346 4.30 -19.07 10.83
C ARG A 346 4.40 -17.90 11.84
N GLU A 347 3.96 -18.16 13.07
CA GLU A 347 3.78 -17.11 14.09
C GLU A 347 5.06 -16.30 14.27
N ASP A 348 6.24 -16.94 14.21
CA ASP A 348 7.49 -16.21 14.52
C ASP A 348 8.07 -15.49 13.32
N ILE A 349 7.33 -15.51 12.21
CA ILE A 349 7.70 -14.82 10.98
C ILE A 349 6.69 -13.70 10.70
N ALA A 350 5.41 -14.00 10.94
CA ALA A 350 4.25 -13.20 10.51
C ALA A 350 4.19 -11.75 10.94
N SER A 351 4.75 -11.43 12.10
CA SER A 351 4.68 -10.06 12.62
CA SER A 351 4.69 -10.06 12.62
C SER A 351 5.97 -9.29 12.33
N ASN A 352 6.89 -9.93 11.62
CA ASN A 352 8.16 -9.29 11.26
C ASN A 352 8.48 -9.47 9.77
N PHE A 353 7.47 -9.32 8.91
CA PHE A 353 7.64 -9.59 7.49
C PHE A 353 7.43 -8.32 6.68
N TYR A 354 8.44 -7.91 5.91
CA TYR A 354 8.48 -6.57 5.29
C TYR A 354 8.27 -6.60 3.77
N ALA A 355 8.57 -7.77 3.17
CA ALA A 355 8.37 -7.99 1.74
C ALA A 355 6.86 -8.11 1.46
N MET A 356 6.49 -8.02 0.18
CA MET A 356 5.11 -8.28 -0.27
C MET A 356 4.57 -9.56 0.38
N CYS A 357 3.38 -9.47 1.00
CA CYS A 357 2.72 -10.67 1.51
C CYS A 357 1.22 -10.46 1.38
N GLN A 358 0.71 -10.72 0.18
CA GLN A 358 -0.65 -10.40 -0.14
C GLN A 358 -1.37 -11.65 -0.71
N THR A 359 -2.66 -11.73 -0.49
CA THR A 359 -3.46 -12.67 -1.19
C THR A 359 -4.77 -11.93 -1.44
N ALA A 360 -5.87 -12.66 -1.65
CA ALA A 360 -7.08 -12.06 -2.16
C ALA A 360 -8.31 -12.93 -1.89
N ALA A 361 -9.47 -12.27 -1.90
CA ALA A 361 -10.78 -12.90 -1.83
C ALA A 361 -11.62 -12.33 -2.94
N VAL A 362 -12.74 -12.97 -3.24
CA VAL A 362 -13.67 -12.45 -4.23
C VAL A 362 -14.94 -12.00 -3.50
N VAL A 363 -15.16 -10.68 -3.47
CA VAL A 363 -16.41 -10.12 -3.00
C VAL A 363 -17.51 -10.36 -4.06
N ARG A 364 -18.65 -10.91 -3.63
CA ARG A 364 -19.79 -11.12 -4.54
C ARG A 364 -21.07 -10.54 -3.94
N ILE A 365 -21.80 -9.75 -4.72
CA ILE A 365 -23.08 -9.21 -4.27
C ILE A 365 -24.11 -9.45 -5.39
N GLU A 366 -25.05 -10.35 -5.12
CA GLU A 366 -26.20 -10.61 -5.99
C GLU A 366 -27.37 -9.69 -5.59
N ASN A 367 -28.43 -9.69 -6.40
CA ASN A 367 -29.66 -8.98 -6.00
C ASN A 367 -29.41 -7.46 -5.91
N LEU A 368 -28.63 -6.93 -6.83
CA LEU A 368 -28.26 -5.51 -6.83
C LEU A 368 -29.45 -4.56 -6.81
N LYS A 369 -30.54 -4.91 -7.51
CA LYS A 369 -31.71 -4.01 -7.53
C LYS A 369 -32.19 -3.79 -6.10
N SER A 370 -32.21 -4.85 -5.31
CA SER A 370 -32.80 -4.76 -3.97
C SER A 370 -32.02 -3.82 -3.03
N ILE A 371 -30.77 -3.50 -3.40
CA ILE A 371 -29.95 -2.64 -2.56
C ILE A 371 -29.68 -1.30 -3.24
N THR A 372 -30.31 -1.08 -4.41
CA THR A 372 -30.19 0.20 -5.12
C THR A 372 -31.00 1.33 -4.45
N VAL A 373 -30.28 2.28 -3.84
CA VAL A 373 -30.88 3.39 -3.10
C VAL A 373 -30.25 4.70 -3.48
N SER A 374 -31.04 5.75 -3.40
CA SER A 374 -30.60 7.11 -3.73
C SER A 374 -30.18 7.78 -2.42
N HIS A 375 -29.42 8.87 -2.51
CA HIS A 375 -29.10 9.64 -1.31
C HIS A 375 -30.36 10.33 -0.76
N LYS A 376 -31.38 10.41 -1.59
CA LYS A 376 -32.60 11.10 -1.22
C LYS A 376 -33.65 10.16 -0.65
N ASP A 377 -33.43 8.87 -0.80
CA ASP A 377 -34.32 7.88 -0.18
C ASP A 377 -34.30 8.00 1.33
N GLU A 378 -35.41 7.58 1.92
CA GLU A 378 -35.52 7.46 3.39
C GLU A 378 -34.25 6.91 4.01
N LYS A 379 -33.80 7.49 5.11
CA LYS A 379 -32.57 7.03 5.78
C LYS A 379 -32.62 5.51 6.04
N GLU A 380 -33.77 5.00 6.53
CA GLU A 380 -33.84 3.61 6.94
CA GLU A 380 -33.88 3.60 6.93
C GLU A 380 -33.66 2.68 5.74
N LEU A 381 -34.02 3.16 4.57
CA LEU A 381 -33.91 2.37 3.36
C LEU A 381 -32.43 2.24 2.99
N GLN A 382 -31.73 3.34 3.13
CA GLN A 382 -30.29 3.37 2.89
C GLN A 382 -29.54 2.50 3.86
N VAL A 383 -29.89 2.57 5.13
CA VAL A 383 -29.31 1.75 6.15
C VAL A 383 -29.51 0.26 5.87
N ARG A 384 -30.72 -0.11 5.54
CA ARG A 384 -31.03 -1.46 5.15
C ARG A 384 -30.18 -1.98 4.00
N ALA A 385 -30.06 -1.19 2.97
CA ALA A 385 -29.28 -1.55 1.80
C ALA A 385 -27.83 -1.72 2.18
N LEU A 386 -27.34 -0.78 2.95
CA LEU A 386 -25.95 -0.87 3.46
C LEU A 386 -25.71 -2.12 4.31
N GLU A 387 -26.64 -2.39 5.25
CA GLU A 387 -26.64 -3.64 6.00
CA GLU A 387 -26.61 -3.62 6.00
C GLU A 387 -26.64 -4.89 5.12
N SER A 388 -27.59 -4.97 4.18
CA SER A 388 -27.64 -6.13 3.27
C SER A 388 -26.30 -6.31 2.51
N ALA A 389 -25.78 -5.20 1.97
CA ALA A 389 -24.50 -5.28 1.25
C ALA A 389 -23.37 -5.75 2.16
N CYS A 390 -23.25 -5.16 3.34
CA CYS A 390 -22.22 -5.58 4.32
C CYS A 390 -22.32 -7.07 4.63
N ARG A 391 -23.52 -7.62 4.71
CA ARG A 391 -23.69 -9.03 5.05
C ARG A 391 -23.23 -9.94 3.93
N ASN A 392 -23.60 -9.59 2.70
CA ASN A 392 -23.09 -10.24 1.48
C ASN A 392 -21.55 -10.20 1.41
N ILE A 393 -21.02 -9.03 1.69
CA ILE A 393 -19.56 -8.83 1.66
C ILE A 393 -18.83 -9.72 2.68
N LYS A 394 -19.24 -9.64 3.96
CA LYS A 394 -18.68 -10.43 5.04
C LYS A 394 -18.77 -11.90 4.70
N LYS A 395 -19.93 -12.36 4.21
CA LYS A 395 -20.14 -13.74 3.80
C LYS A 395 -19.13 -14.19 2.69
N SER A 396 -19.00 -13.37 1.62
CA SER A 396 -18.03 -13.60 0.54
C SER A 396 -16.63 -13.82 1.06
N TYR A 397 -16.16 -12.88 1.88
CA TYR A 397 -14.83 -12.97 2.45
C TYR A 397 -14.61 -14.29 3.15
N ARG A 398 -15.54 -14.66 4.03
CA ARG A 398 -15.45 -15.88 4.86
C ARG A 398 -15.11 -17.12 4.02
N GLN A 399 -15.67 -17.19 2.81
CA GLN A 399 -15.46 -18.28 1.88
C GLN A 399 -14.01 -18.39 1.38
N TRP A 400 -13.28 -17.29 1.48
CA TRP A 400 -11.89 -17.26 1.05
C TRP A 400 -10.99 -17.31 2.26
N LEU A 401 -11.27 -16.41 3.20
CA LEU A 401 -10.48 -16.23 4.43
C LEU A 401 -10.40 -17.45 5.37
N GLU A 402 -11.46 -18.25 5.39
CA GLU A 402 -11.49 -19.45 6.25
C GLU A 402 -10.64 -20.55 5.64
N ASN A 403 -10.10 -20.33 4.44
CA ASN A 403 -9.32 -21.37 3.85
C ASN A 403 -7.80 -21.32 4.14
N PRO A 404 -7.26 -22.39 4.79
CA PRO A 404 -5.84 -22.43 5.16
C PRO A 404 -4.84 -22.29 3.99
N PHE A 405 -5.28 -22.57 2.75
CA PHE A 405 -4.38 -22.43 1.60
C PHE A 405 -4.44 -21.03 0.95
N LEU A 406 -5.12 -20.07 1.59
CA LEU A 406 -5.42 -18.80 0.89
C LEU A 406 -4.17 -18.05 0.44
N GLN A 407 -3.14 -17.98 1.28
CA GLN A 407 -1.90 -17.34 0.84
C GLN A 407 -1.23 -18.05 -0.35
N ALA A 408 -1.08 -19.38 -0.28
CA ALA A 408 -0.61 -20.16 -1.44
C ALA A 408 -1.44 -19.87 -2.67
N LEU A 409 -2.76 -19.77 -2.50
CA LEU A 409 -3.63 -19.47 -3.63
C LEU A 409 -3.25 -18.12 -4.24
N GLY A 410 -3.11 -17.10 -3.38
CA GLY A 410 -2.75 -15.74 -3.83
C GLY A 410 -1.49 -15.75 -4.66
N LEU A 411 -0.48 -16.47 -4.20
CA LEU A 411 0.82 -16.54 -4.91
C LEU A 411 0.64 -17.13 -6.31
N ARG A 412 -0.12 -18.21 -6.35
CA ARG A 412 -0.31 -18.92 -7.57
C ARG A 412 -1.18 -18.14 -8.56
N VAL A 413 -2.23 -17.51 -8.09
CA VAL A 413 -3.09 -16.76 -9.00
C VAL A 413 -2.48 -15.44 -9.42
N HIS A 414 -1.72 -14.80 -8.53
CA HIS A 414 -1.02 -13.59 -8.96
C HIS A 414 0.14 -13.88 -9.94
N ASN A 415 0.84 -15.01 -9.80
CA ASN A 415 1.76 -15.49 -10.87
C ASN A 415 1.03 -15.54 -12.22
N PHE A 416 -0.16 -16.15 -12.25
CA PHE A 416 -0.97 -16.23 -13.47
C PHE A 416 -1.36 -14.84 -13.98
N GLU A 417 -1.81 -13.97 -13.07
CA GLU A 417 -2.23 -12.61 -13.43
C GLU A 417 -1.11 -11.79 -14.01
N ALA A 418 0.13 -11.94 -13.47
CA ALA A 418 1.26 -11.20 -14.05
C ALA A 418 1.42 -11.63 -15.50
N SER A 419 1.32 -12.93 -15.74
CA SER A 419 1.46 -13.45 -17.09
C SER A 419 0.33 -12.99 -17.97
N TYR A 420 -0.89 -12.99 -17.44
CA TYR A 420 -2.08 -12.51 -18.17
C TYR A 420 -1.92 -11.01 -18.56
N LEU A 421 -1.44 -10.24 -17.60
CA LEU A 421 -1.20 -8.81 -17.83
C LEU A 421 -0.05 -8.53 -18.76
N HIS A 422 0.99 -9.37 -18.71
CA HIS A 422 2.11 -9.26 -19.62
C HIS A 422 1.62 -9.35 -21.08
N ALA A 423 0.62 -10.20 -21.34
CA ALA A 423 0.13 -10.38 -22.72
C ALA A 423 -0.97 -9.38 -23.08
N LYS A 424 -1.69 -8.89 -22.06
CA LYS A 424 -2.76 -7.90 -22.22
C LYS A 424 -2.56 -6.78 -21.14
N PRO A 425 -1.65 -5.83 -21.40
CA PRO A 425 -1.21 -4.85 -20.37
C PRO A 425 -2.36 -4.01 -19.78
N ILE A 426 -3.33 -3.63 -20.62
CA ILE A 426 -4.54 -2.91 -20.19
C ILE A 426 -5.73 -3.84 -20.30
N PRO A 427 -6.15 -4.41 -19.17
CA PRO A 427 -7.11 -5.49 -19.34
C PRO A 427 -8.58 -5.03 -19.30
N PHE A 428 -8.84 -3.72 -19.18
CA PHE A 428 -10.21 -3.16 -19.16
C PHE A 428 -10.52 -2.44 -20.48
N GLU A 429 -11.74 -2.56 -21.00
CA GLU A 429 -12.16 -1.71 -22.13
C GLU A 429 -13.53 -1.12 -21.88
N GLY A 430 -13.64 0.17 -22.14
CA GLY A 430 -14.89 0.88 -22.02
C GLY A 430 -15.26 1.28 -20.60
N GLU A 431 -15.31 0.28 -19.70
CA GLU A 431 -15.68 0.44 -18.30
C GLU A 431 -14.78 -0.37 -17.41
N ALA A 432 -14.69 0.04 -16.15
CA ALA A 432 -13.86 -0.66 -15.17
C ALA A 432 -14.53 -0.56 -13.80
N ASN A 433 -14.69 -1.72 -13.18
CA ASN A 433 -15.29 -1.88 -11.85
C ASN A 433 -14.24 -1.36 -10.86
N PRO A 434 -14.63 -0.43 -9.95
CA PRO A 434 -13.72 0.10 -8.93
C PRO A 434 -13.20 -1.00 -8.00
N LEU A 435 -11.99 -0.80 -7.50
CA LEU A 435 -11.33 -1.81 -6.65
C LEU A 435 -11.20 -1.20 -5.25
N PHE A 436 -11.49 -2.00 -4.23
CA PHE A 436 -11.31 -1.56 -2.84
C PHE A 436 -10.05 -2.13 -2.20
N ILE A 437 -9.34 -1.29 -1.45
CA ILE A 437 -8.13 -1.67 -0.74
C ILE A 437 -8.26 -1.27 0.74
N SER A 438 -8.19 -2.26 1.63
CA SER A 438 -8.36 -2.01 3.04
C SER A 438 -7.07 -2.16 3.88
N ASP A 439 -6.59 -1.06 4.44
CA ASP A 439 -5.25 -1.02 5.10
C ASP A 439 -5.22 -1.00 6.65
N GLY A 440 -6.34 -0.61 7.27
CA GLY A 440 -6.42 -0.69 8.73
C GLY A 440 -5.75 0.49 9.42
N ILE A 441 -5.43 0.31 10.70
CA ILE A 441 -5.04 1.47 11.52
C ILE A 441 -3.53 1.67 11.51
N ASN A 442 -3.08 2.85 11.11
CA ASN A 442 -1.66 3.14 10.96
C ASN A 442 -0.89 3.05 12.28
N GLU A 443 -1.60 3.26 13.39
CA GLU A 443 -1.01 3.08 14.72
C GLU A 443 -0.34 1.74 14.95
N ARG A 444 -0.79 0.70 14.24
CA ARG A 444 -0.06 -0.56 14.31
C ARG A 444 1.41 -0.42 13.91
N PHE A 445 1.71 0.47 12.96
CA PHE A 445 3.05 0.48 12.36
C PHE A 445 3.90 1.75 12.61
N ILE A 446 3.23 2.87 12.84
CA ILE A 446 3.87 4.17 12.87
C ILE A 446 3.56 4.88 14.21
N PRO A 447 4.57 5.45 14.87
CA PRO A 447 4.34 6.10 16.18
C PRO A 447 3.72 7.48 15.98
N HIS A 448 3.03 7.96 17.00
CA HIS A 448 2.44 9.32 16.93
C HIS A 448 3.49 10.43 17.01
N GLU A 449 4.64 10.09 17.58
CA GLU A 449 5.74 11.06 17.75
C GLU A 449 7.08 10.42 17.43
N ILE A 450 8.01 11.28 17.02
CA ILE A 450 9.42 10.98 16.97
C ILE A 450 9.92 11.63 18.25
N LYS A 451 10.56 10.82 19.09
CA LYS A 451 11.08 11.25 20.38
C LYS A 451 12.59 11.25 20.34
N GLN A 452 13.23 12.11 21.13
CA GLN A 452 14.62 11.93 21.46
C GLN A 452 14.74 10.72 22.41
N THR A 453 15.31 9.62 21.90
CA THR A 453 15.35 8.36 22.63
C THR A 453 16.03 8.45 23.98
N ALA A 454 17.20 9.08 24.01
CA ALA A 454 17.93 9.31 25.25
C ALA A 454 17.08 9.94 26.35
N THR A 455 16.18 10.87 25.99
CA THR A 455 15.36 11.54 27.01
C THR A 455 13.87 11.19 27.11
N GLY A 456 13.32 10.56 26.08
CA GLY A 456 11.88 10.43 25.98
C GLY A 456 11.12 11.68 25.57
N GLU A 457 11.80 12.81 25.41
CA GLU A 457 11.10 14.05 24.98
C GLU A 457 10.54 13.97 23.55
N ASN A 458 9.28 14.37 23.34
CA ASN A 458 8.70 14.51 22.00
C ASN A 458 9.41 15.59 21.17
N VAL A 459 9.79 15.28 19.94
CA VAL A 459 10.45 16.23 19.09
C VAL A 459 9.53 16.63 17.90
N LEU A 460 8.97 15.64 17.21
CA LEU A 460 8.07 15.92 16.07
C LEU A 460 6.79 15.11 16.23
N SER A 461 5.65 15.78 16.08
CA SER A 461 4.35 15.09 16.14
C SER A 461 4.04 14.62 14.71
N VAL A 462 3.64 13.36 14.57
CA VAL A 462 3.20 12.84 13.27
C VAL A 462 1.73 13.20 13.14
N GLU A 463 1.45 14.29 12.43
CA GLU A 463 0.10 14.82 12.40
C GLU A 463 -0.80 14.13 11.38
N SER A 464 -0.25 13.87 10.19
CA SER A 464 -1.06 13.24 9.13
C SER A 464 -0.28 12.17 8.33
N ILE A 465 -1.02 11.17 7.86
CA ILE A 465 -0.45 10.13 7.02
C ILE A 465 -1.37 9.90 5.82
N ASP A 466 -0.82 10.00 4.63
CA ASP A 466 -1.56 9.74 3.38
C ASP A 466 -0.80 8.76 2.51
N PHE A 467 -1.43 7.61 2.21
CA PHE A 467 -0.81 6.54 1.45
C PHE A 467 -1.26 6.62 0.02
N VAL A 468 -0.37 7.08 -0.84
CA VAL A 468 -0.73 7.37 -2.23
C VAL A 468 0.03 6.45 -3.21
N VAL A 469 -0.69 5.86 -4.18
CA VAL A 469 -0.11 4.89 -5.14
C VAL A 469 -0.28 5.42 -6.56
N ASN A 470 0.73 5.20 -7.41
CA ASN A 470 0.61 5.67 -8.81
C ASN A 470 -0.41 4.84 -9.56
N GLN A 471 -1.42 5.48 -10.17
CA GLN A 471 -2.37 4.73 -11.03
C GLN A 471 -2.19 5.08 -12.50
N SER A 472 -1.84 4.08 -13.29
CA SER A 472 -1.70 4.24 -14.73
C SER A 472 -2.58 3.23 -15.49
N LEU A 473 -3.45 2.53 -14.77
CA LEU A 473 -4.47 1.69 -15.37
C LEU A 473 -5.81 2.39 -15.22
N PRO A 474 -6.81 2.03 -16.05
CA PRO A 474 -8.00 2.89 -16.11
C PRO A 474 -9.12 2.54 -15.15
N TYR A 475 -8.79 2.01 -13.97
CA TYR A 475 -9.79 1.75 -12.94
C TYR A 475 -9.60 2.66 -11.71
N LEU A 476 -10.70 2.88 -11.00
CA LEU A 476 -10.62 3.57 -9.73
C LEU A 476 -10.23 2.58 -8.65
N ALA A 477 -9.24 2.96 -7.83
CA ALA A 477 -8.90 2.16 -6.64
C ALA A 477 -9.14 3.02 -5.43
N ILE A 478 -9.86 2.46 -4.47
CA ILE A 478 -10.26 3.17 -3.26
C ILE A 478 -9.56 2.53 -2.08
N ARG A 479 -8.85 3.37 -1.31
CA ARG A 479 -8.05 2.89 -0.19
C ARG A 479 -8.51 3.54 1.11
N LEU A 480 -8.73 2.70 2.09
CA LEU A 480 -9.13 3.15 3.42
C LEU A 480 -8.06 2.88 4.46
N ASP A 481 -7.74 3.87 5.29
CA ASP A 481 -6.99 3.60 6.52
C ASP A 481 -7.45 4.55 7.64
N SER A 482 -6.67 4.60 8.71
CA SER A 482 -7.02 5.37 9.89
C SER A 482 -5.75 5.87 10.59
N TRP A 483 -5.85 7.08 11.16
CA TRP A 483 -4.76 7.65 11.98
C TRP A 483 -5.39 8.56 13.02
N ARG A 484 -4.98 8.43 14.29
CA ARG A 484 -5.52 9.26 15.38
C ARG A 484 -7.06 9.23 15.39
N ASP A 485 -7.58 8.01 15.23
CA ASP A 485 -9.03 7.69 15.17
C ASP A 485 -9.84 8.37 14.05
N ALA A 486 -9.16 8.94 13.04
CA ALA A 486 -9.81 9.55 11.90
C ALA A 486 -9.60 8.66 10.67
N SER A 487 -10.69 8.16 10.08
CA SER A 487 -10.58 7.32 8.87
C SER A 487 -10.33 8.20 7.66
N THR A 488 -9.43 7.76 6.79
CA THR A 488 -9.16 8.47 5.55
C THR A 488 -9.45 7.56 4.35
N LEU A 489 -10.16 8.12 3.37
CA LEU A 489 -10.37 7.46 2.08
C LEU A 489 -9.67 8.25 0.98
N ASN A 490 -9.00 7.56 0.06
CA ASN A 490 -8.57 8.23 -1.17
C ASN A 490 -8.89 7.38 -2.40
N ILE A 491 -8.98 8.03 -3.57
CA ILE A 491 -9.18 7.33 -4.81
C ILE A 491 -8.03 7.70 -5.73
N ILE A 492 -7.31 6.69 -6.20
CA ILE A 492 -6.31 6.88 -7.27
C ILE A 492 -6.93 6.62 -8.65
N TYR A 493 -6.49 7.40 -9.62
CA TYR A 493 -7.05 7.36 -10.97
C TYR A 493 -6.02 7.97 -11.86
N ASN A 494 -6.03 7.55 -13.12
CA ASN A 494 -5.22 8.21 -14.13
C ASN A 494 -6.02 9.29 -14.86
N ASP A 495 -5.48 10.50 -14.97
CA ASP A 495 -6.31 11.62 -15.52
C ASP A 495 -6.58 11.66 -17.04
N ALA A 496 -6.09 10.66 -17.79
CA ALA A 496 -6.57 10.41 -19.16
C ALA A 496 -7.95 9.74 -19.09
N ASN A 497 -8.20 9.02 -17.99
CA ASN A 497 -9.36 8.09 -17.97
C ASN A 497 -10.57 8.69 -17.29
N TYR A 498 -10.31 9.58 -16.32
CA TYR A 498 -11.36 10.22 -15.51
C TYR A 498 -11.01 11.69 -15.24
N THR A 499 -12.03 12.51 -15.02
CA THR A 499 -11.79 13.88 -14.53
C THR A 499 -11.71 13.96 -13.01
N GLU A 500 -11.01 14.97 -12.51
CA GLU A 500 -11.02 15.21 -11.08
C GLU A 500 -12.45 15.34 -10.58
N ALA A 501 -13.28 16.10 -11.32
CA ALA A 501 -14.64 16.39 -10.84
C ALA A 501 -15.38 15.09 -10.69
N GLU A 502 -15.24 14.19 -11.66
CA GLU A 502 -16.06 13.00 -11.55
C GLU A 502 -15.58 12.03 -10.42
N VAL A 503 -14.30 11.99 -10.17
CA VAL A 503 -13.80 11.14 -9.07
C VAL A 503 -14.15 11.75 -7.70
N GLN A 504 -14.04 13.08 -7.60
CA GLN A 504 -14.50 13.80 -6.41
C GLN A 504 -15.98 13.49 -6.15
N LYS A 505 -16.79 13.55 -7.21
CA LYS A 505 -18.23 13.28 -7.10
C LYS A 505 -18.47 11.89 -6.53
N TYR A 506 -17.76 10.91 -7.06
CA TYR A 506 -17.90 9.52 -6.68
C TYR A 506 -17.40 9.29 -5.25
N LEU A 507 -16.24 9.83 -4.90
CA LEU A 507 -15.78 9.74 -3.52
C LEU A 507 -16.79 10.35 -2.52
N GLN A 508 -17.36 11.50 -2.88
CA GLN A 508 -18.34 12.18 -2.02
CA GLN A 508 -18.33 12.17 -1.99
C GLN A 508 -19.58 11.32 -1.81
N SER A 509 -20.02 10.68 -2.89
CA SER A 509 -21.16 9.77 -2.82
C SER A 509 -20.89 8.63 -1.83
N ILE A 510 -19.72 7.98 -1.96
CA ILE A 510 -19.28 6.94 -1.04
C ILE A 510 -19.34 7.43 0.41
N VAL A 511 -18.70 8.57 0.66
CA VAL A 511 -18.65 9.14 2.00
C VAL A 511 -20.05 9.45 2.58
N GLU A 512 -20.90 10.02 1.73
CA GLU A 512 -22.30 10.36 2.08
C GLU A 512 -23.09 9.12 2.53
N PHE A 513 -23.08 8.05 1.74
CA PHE A 513 -23.61 6.74 2.16
C PHE A 513 -23.03 6.23 3.51
N MET A 514 -21.72 6.30 3.71
CA MET A 514 -21.15 5.85 5.00
C MET A 514 -21.67 6.70 6.18
N LEU A 515 -21.73 8.02 5.97
CA LEU A 515 -22.28 8.96 6.96
C LEU A 515 -23.75 8.64 7.28
N ALA A 516 -24.50 8.27 6.24
CA ALA A 516 -25.91 7.88 6.40
C ALA A 516 -26.11 6.69 7.34
N PHE A 517 -25.07 5.88 7.54
CA PHE A 517 -25.15 4.70 8.40
C PHE A 517 -25.12 5.08 9.90
N ARG A 518 -24.65 6.29 10.23
CA ARG A 518 -24.55 6.70 11.63
C ARG A 518 -25.87 6.54 12.34
N LEU A 519 -25.79 6.30 13.66
CA LEU A 519 -27.01 6.14 14.46
C LEU A 519 -27.69 7.49 14.62
C1 GLC B . -13.31 17.38 3.34
C2 GLC B . -12.22 18.49 3.24
C3 GLC B . -11.64 18.67 1.84
C4 GLC B . -11.63 17.33 1.13
C5 GLC B . -13.10 17.04 0.88
C6 GLC B . -13.28 15.80 0.01
O2 GLC B . -12.67 19.75 3.73
O3 GLC B . -10.34 19.20 1.97
O4 GLC B . -10.82 17.32 -0.04
O5 GLC B . -13.85 16.92 2.08
O6 GLC B . -13.61 16.32 -1.26
O2 Z9N B . -14.43 17.85 4.08
C1 Z9N B . -14.03 18.83 6.26
O1 Z9N B . -12.63 18.73 6.50
C2 Z9N B . -14.53 17.61 5.48
O5 Z9N B . -15.92 17.42 5.69
C3 Z9N B . -13.93 16.30 6.04
O3 Z9N B . -12.65 16.48 6.61
C4 Z9N B . -14.90 15.87 7.13
O4 Z9N B . -15.28 14.53 6.97
C5 Z9N B . -16.18 16.64 6.84
C6 Z9N B . -16.66 17.44 8.06
O6 Z9N B . -17.31 18.64 7.64
C2 FP0 C . -2.87 -6.08 -7.41
C6 FP0 C . -2.68 -4.09 -5.24
C5 FP0 C . -2.02 -5.52 -5.19
C4 FP0 C . -3.07 -6.63 -5.01
C3 FP0 C . -3.54 -7.04 -6.43
C11 FP0 C . -3.81 -4.05 -6.30
C10 FP0 C . -4.17 -2.60 -6.68
C9 FP0 C . -3.38 -1.53 -6.40
C8 FP0 C . -2.11 -1.63 -5.58
C12 FP0 C . -1.59 -5.90 -6.63
C13 FP0 C . -0.34 -5.36 -7.28
O4 FP0 C . -5.31 -8.71 -5.22
C17 FP0 C . -5.82 -7.84 -5.93
C18 FP0 C . -7.29 -7.56 -6.13
O3 FP0 C . -4.95 -6.96 -6.63
O2 FP0 C . -0.47 -6.76 -6.88
O1 FP0 C . -3.55 -4.81 -7.50
C14 FP0 C . -0.96 -5.69 -4.09
C7 FP0 C . -1.60 -3.06 -5.64
C15 FP0 C . -3.34 -3.82 -3.89
O12 FP0 C . -2.46 -3.24 -2.91
C16 FP0 C . -3.75 -0.15 -6.86
N1 EPE D . -6.81 -19.72 8.48
C2 EPE D . -6.49 -18.41 9.10
C3 EPE D . -5.30 -18.54 10.10
N4 EPE D . -4.11 -19.08 9.38
C5 EPE D . -4.32 -20.37 8.67
C6 EPE D . -5.80 -20.83 8.57
C9 EPE D . -7.42 -19.59 7.14
#